data_3BYM
#
_entry.id   3BYM
#
_cell.length_a   42.346
_cell.length_b   73.537
_cell.length_c   92.110
_cell.angle_alpha   90.0
_cell.angle_beta   90.0
_cell.angle_gamma   90.0
#
_symmetry.space_group_name_H-M   'P 21 21 21'
#
loop_
_entity.id
_entity.type
_entity.pdbx_description
1 polymer 'Proto-oncogene tyrosine-protein kinase LCK'
2 non-polymer 'SULFATE ION'
3 non-polymer N-phenyl-1-{4-[(3,4,5-trimethoxyphenyl)amino]-1,3,5-triazin-2-yl}-1H-benzimidazol-2-amine
4 water water
#
_entity_poly.entity_id   1
_entity_poly.type   'polypeptide(L)'
_entity_poly.pdbx_seq_one_letter_code
;QKPWWEDEWEVPRETLKLVERLGAGQFGEVWMGYYNGHTKVAVKSLKQGSMSPDAFLAEANLMKQLQHQRLVRLYAVVTQ
EPIYIITEYMENGSLVDFLKTPSGIKLTINKLLDMAAQIAEGMAFIEERNYIHRDLRAANILVSDTLSCKIADFGLARLI
EDNE(PTR)TAREGAKFPIKWTAPEAINYGTFTIKSDVWSFGILLTEIVTHGRIPYPGMTNPEVIQNLERGYRMVRPDNC
PEELYQLMRLCWKERPEDRPTFDYLRSVLEDFFTAT
;
_entity_poly.pdbx_strand_id   A
#
loop_
_chem_comp.id
_chem_comp.type
_chem_comp.name
_chem_comp.formula
AM0 non-polymer N-phenyl-1-{4-[(3,4,5-trimethoxyphenyl)amino]-1,3,5-triazin-2-yl}-1H-benzimidazol-2-amine 'C25 H23 N7 O3'
SO4 non-polymer 'SULFATE ION' 'O4 S -2'
#
# COMPACT_ATOMS: atom_id res chain seq x y z
N GLN A 1 -24.75 6.82 -4.22
CA GLN A 1 -24.52 5.64 -3.36
C GLN A 1 -25.78 5.09 -2.69
N LYS A 2 -25.91 3.76 -2.58
CA LYS A 2 -27.09 3.18 -1.94
C LYS A 2 -27.24 3.69 -0.52
N PRO A 3 -28.47 4.07 -0.16
CA PRO A 3 -28.65 4.55 1.22
C PRO A 3 -28.29 3.40 2.17
N TRP A 4 -27.92 3.74 3.41
CA TRP A 4 -27.50 2.70 4.36
C TRP A 4 -28.49 1.58 4.63
N TRP A 5 -29.80 1.84 4.54
CA TRP A 5 -30.79 0.79 4.80
C TRP A 5 -30.91 -0.20 3.64
N GLU A 6 -30.22 0.12 2.55
CA GLU A 6 -30.24 -0.76 1.38
C GLU A 6 -28.83 -1.23 1.05
N ASP A 7 -27.83 -0.54 1.61
CA ASP A 7 -26.44 -0.90 1.35
C ASP A 7 -26.04 -2.23 2.00
N GLU A 8 -25.58 -3.17 1.18
CA GLU A 8 -25.18 -4.50 1.65
C GLU A 8 -24.02 -4.47 2.64
N TRP A 9 -23.27 -3.38 2.67
CA TRP A 9 -22.12 -3.29 3.59
C TRP A 9 -22.43 -2.79 4.99
N GLU A 10 -23.50 -2.04 5.13
CA GLU A 10 -23.88 -1.51 6.44
C GLU A 10 -24.22 -2.67 7.37
N VAL A 11 -23.72 -2.60 8.60
CA VAL A 11 -24.01 -3.61 9.60
C VAL A 11 -24.27 -2.92 10.94
N PRO A 12 -25.13 -3.51 11.78
CA PRO A 12 -25.45 -2.94 13.09
C PRO A 12 -24.19 -2.97 13.91
N ARG A 13 -23.92 -1.87 14.61
CA ARG A 13 -22.73 -1.79 15.41
C ARG A 13 -22.69 -2.90 16.48
N GLU A 14 -23.85 -3.43 16.85
CA GLU A 14 -23.92 -4.48 17.87
C GLU A 14 -23.23 -5.76 17.41
N THR A 15 -23.00 -5.89 16.10
CA THR A 15 -22.34 -7.08 15.58
C THR A 15 -20.83 -7.08 15.83
N LEU A 16 -20.31 -5.96 16.30
CA LEU A 16 -18.87 -5.85 16.52
C LEU A 16 -18.39 -5.78 17.96
N LYS A 17 -17.28 -6.45 18.23
CA LYS A 17 -16.68 -6.43 19.55
C LYS A 17 -15.21 -6.05 19.35
N LEU A 18 -14.82 -4.87 19.81
CA LEU A 18 -13.44 -4.40 19.70
C LEU A 18 -12.64 -5.04 20.84
N VAL A 19 -11.57 -5.74 20.47
CA VAL A 19 -10.76 -6.43 21.46
C VAL A 19 -9.37 -5.86 21.74
N GLU A 20 -8.60 -5.55 20.70
CA GLU A 20 -7.25 -5.03 20.90
C GLU A 20 -6.95 -3.88 19.93
N ARG A 21 -6.33 -2.79 20.43
CA ARG A 21 -6.00 -1.68 19.55
C ARG A 21 -4.71 -1.95 18.82
N LEU A 22 -4.73 -1.70 17.51
CA LEU A 22 -3.55 -1.93 16.69
C LEU A 22 -2.87 -0.61 16.35
N GLY A 23 -3.62 0.48 16.45
CA GLY A 23 -3.06 1.78 16.14
C GLY A 23 -3.96 2.90 16.63
N ALA A 24 -3.35 4.02 17.02
CA ALA A 24 -4.09 5.17 17.50
C ALA A 24 -3.47 6.38 16.82
N GLY A 25 -4.31 7.23 16.25
CA GLY A 25 -3.79 8.40 15.58
C GLY A 25 -4.67 9.63 15.69
N GLN A 26 -4.21 10.66 14.98
CA GLN A 26 -4.84 11.97 14.90
C GLN A 26 -6.31 11.87 14.45
N PHE A 27 -6.57 10.99 13.49
CA PHE A 27 -7.91 10.85 12.95
C PHE A 27 -8.70 9.67 13.48
N GLY A 28 -8.13 8.92 14.41
CA GLY A 28 -8.88 7.78 14.92
C GLY A 28 -8.03 6.59 15.30
N GLU A 29 -8.71 5.47 15.54
CA GLU A 29 -8.02 4.28 15.96
C GLU A 29 -8.33 3.09 15.05
N VAL A 30 -7.52 2.05 15.18
CA VAL A 30 -7.73 0.83 14.43
C VAL A 30 -7.61 -0.28 15.45
N TRP A 31 -8.66 -1.09 15.54
CA TRP A 31 -8.69 -2.18 16.50
C TRP A 31 -8.87 -3.55 15.86
N MET A 32 -8.40 -4.57 16.56
CA MET A 32 -8.61 -5.94 16.11
C MET A 32 -9.89 -6.26 16.86
N GLY A 33 -10.79 -6.97 16.18
CA GLY A 33 -12.05 -7.29 16.82
C GLY A 33 -12.73 -8.48 16.19
N TYR A 34 -13.98 -8.72 16.60
CA TYR A 34 -14.75 -9.84 16.10
C TYR A 34 -16.13 -9.43 15.62
N TYR A 35 -16.52 -10.00 14.49
CA TYR A 35 -17.83 -9.77 13.88
C TYR A 35 -18.67 -11.00 14.23
N ASN A 36 -19.86 -10.76 14.76
CA ASN A 36 -20.77 -11.82 15.17
C ASN A 36 -20.01 -12.89 15.95
N GLY A 37 -19.17 -12.41 16.87
CA GLY A 37 -18.41 -13.30 17.74
C GLY A 37 -17.30 -14.19 17.22
N HIS A 38 -17.45 -14.75 16.02
CA HIS A 38 -16.45 -15.67 15.51
C HIS A 38 -15.46 -15.19 14.45
N THR A 39 -15.83 -14.17 13.71
CA THR A 39 -14.98 -13.67 12.64
C THR A 39 -14.09 -12.50 13.02
N LYS A 40 -12.79 -12.74 12.93
CA LYS A 40 -11.75 -11.77 13.25
C LYS A 40 -11.68 -10.68 12.19
N VAL A 41 -11.80 -9.42 12.62
CA VAL A 41 -11.79 -8.28 11.72
C VAL A 41 -10.94 -7.11 12.23
N ALA A 42 -10.70 -6.12 11.38
CA ALA A 42 -9.95 -4.92 11.75
C ALA A 42 -10.99 -3.81 11.72
N VAL A 43 -11.03 -2.98 12.76
CA VAL A 43 -12.02 -1.92 12.81
C VAL A 43 -11.40 -0.53 12.87
N LYS A 44 -11.70 0.27 11.87
CA LYS A 44 -11.18 1.62 11.81
C LYS A 44 -12.29 2.57 12.28
N SER A 45 -12.00 3.31 13.34
CA SER A 45 -12.94 4.25 13.93
C SER A 45 -12.49 5.68 13.70
N LEU A 46 -13.40 6.53 13.27
CA LEU A 46 -13.08 7.92 13.01
C LEU A 46 -13.22 8.75 14.28
N LYS A 47 -12.22 9.59 14.53
CA LYS A 47 -12.27 10.49 15.68
C LYS A 47 -13.09 11.70 15.29
N GLN A 48 -14.22 11.88 15.97
CA GLN A 48 -15.14 12.98 15.69
C GLN A 48 -14.42 14.33 15.62
N GLY A 49 -14.73 15.10 14.57
CA GLY A 49 -14.14 16.41 14.40
C GLY A 49 -12.73 16.42 13.87
N SER A 50 -12.08 15.26 13.88
CA SER A 50 -10.70 15.17 13.40
C SER A 50 -10.66 15.37 11.89
N MET A 51 -11.68 14.87 11.21
CA MET A 51 -11.74 15.02 9.77
C MET A 51 -13.17 14.80 9.32
N SER A 52 -13.45 15.13 8.06
CA SER A 52 -14.78 14.95 7.53
C SER A 52 -15.20 13.49 7.45
N PRO A 53 -16.43 13.18 7.84
CA PRO A 53 -16.97 11.82 7.80
C PRO A 53 -17.08 11.34 6.36
N ASP A 54 -17.38 12.27 5.46
CA ASP A 54 -17.49 11.97 4.03
C ASP A 54 -16.11 11.58 3.51
N ALA A 55 -15.09 12.33 3.95
CA ALA A 55 -13.71 12.04 3.54
C ALA A 55 -13.32 10.66 4.03
N PHE A 56 -13.70 10.36 5.27
CA PHE A 56 -13.39 9.07 5.91
C PHE A 56 -14.00 7.90 5.14
N LEU A 57 -15.31 7.96 4.93
CA LEU A 57 -16.04 6.92 4.23
C LEU A 57 -15.71 6.77 2.75
N ALA A 58 -15.10 7.80 2.18
CA ALA A 58 -14.73 7.79 0.77
C ALA A 58 -13.80 6.63 0.44
N GLU A 59 -12.94 6.29 1.39
CA GLU A 59 -12.01 5.18 1.20
C GLU A 59 -12.80 3.87 1.13
N ALA A 60 -13.81 3.76 1.98
CA ALA A 60 -14.64 2.56 2.01
C ALA A 60 -15.39 2.41 0.68
N ASN A 61 -15.93 3.52 0.18
CA ASN A 61 -16.66 3.49 -1.07
C ASN A 61 -15.76 3.01 -2.21
N LEU A 62 -14.51 3.47 -2.23
CA LEU A 62 -13.59 3.04 -3.29
C LEU A 62 -13.31 1.54 -3.17
N MET A 63 -13.14 1.06 -1.94
CA MET A 63 -12.86 -0.34 -1.69
C MET A 63 -14.02 -1.24 -2.13
N LYS A 64 -15.20 -0.65 -2.29
CA LYS A 64 -16.33 -1.45 -2.75
C LYS A 64 -16.13 -1.81 -4.22
N GLN A 65 -15.41 -0.94 -4.93
CA GLN A 65 -15.08 -1.09 -6.36
C GLN A 65 -13.77 -1.84 -6.67
N LEU A 66 -12.92 -2.02 -5.65
CA LEU A 66 -11.65 -2.71 -5.84
C LEU A 66 -11.55 -3.91 -4.96
N GLN A 67 -12.13 -5.02 -5.39
CA GLN A 67 -12.11 -6.28 -4.64
C GLN A 67 -11.23 -7.30 -5.37
N HIS A 68 -10.26 -7.87 -4.66
CA HIS A 68 -9.36 -8.86 -5.24
C HIS A 68 -8.62 -9.56 -4.10
N GLN A 69 -8.24 -10.82 -4.28
CA GLN A 69 -7.55 -11.57 -3.23
C GLN A 69 -6.31 -10.86 -2.70
N ARG A 70 -5.63 -10.12 -3.58
CA ARG A 70 -4.40 -9.43 -3.22
C ARG A 70 -4.56 -8.04 -2.60
N LEU A 71 -5.80 -7.64 -2.35
CA LEU A 71 -6.10 -6.35 -1.74
C LEU A 71 -6.91 -6.59 -0.47
N VAL A 72 -6.57 -5.89 0.62
CA VAL A 72 -7.31 -6.04 1.87
C VAL A 72 -8.76 -5.71 1.56
N ARG A 73 -9.63 -6.69 1.77
CA ARG A 73 -11.06 -6.57 1.46
C ARG A 73 -11.92 -5.80 2.45
N LEU A 74 -12.82 -4.99 1.91
CA LEU A 74 -13.74 -4.24 2.75
C LEU A 74 -14.73 -5.27 3.30
N TYR A 75 -15.01 -5.16 4.59
CA TYR A 75 -15.93 -6.08 5.23
C TYR A 75 -17.32 -5.47 5.41
N ALA A 76 -17.37 -4.28 5.99
CA ALA A 76 -18.65 -3.61 6.23
C ALA A 76 -18.37 -2.19 6.70
N VAL A 77 -19.44 -1.45 6.96
CA VAL A 77 -19.33 -0.09 7.45
C VAL A 77 -20.48 0.17 8.41
N VAL A 78 -20.25 1.12 9.30
CA VAL A 78 -21.25 1.60 10.26
C VAL A 78 -21.21 3.09 9.98
N THR A 79 -22.18 3.56 9.19
CA THR A 79 -22.19 4.95 8.76
C THR A 79 -22.94 5.97 9.63
N GLN A 80 -23.39 5.50 10.80
CA GLN A 80 -24.08 6.30 11.81
C GLN A 80 -23.00 6.53 12.88
N GLU A 81 -22.78 7.80 13.23
CA GLU A 81 -21.72 8.17 14.21
C GLU A 81 -21.78 7.50 15.57
N PRO A 82 -20.64 7.02 16.06
CA PRO A 82 -19.27 7.01 15.54
C PRO A 82 -19.10 6.05 14.35
N ILE A 83 -18.46 6.57 13.32
CA ILE A 83 -18.19 5.85 12.06
C ILE A 83 -17.08 4.81 12.10
N TYR A 84 -17.37 3.64 11.53
CA TYR A 84 -16.42 2.54 11.45
C TYR A 84 -16.30 2.02 10.02
N ILE A 85 -15.12 1.51 9.69
CA ILE A 85 -14.87 0.87 8.41
C ILE A 85 -14.28 -0.45 8.90
N ILE A 86 -14.93 -1.55 8.57
CA ILE A 86 -14.44 -2.86 9.01
C ILE A 86 -13.83 -3.60 7.82
N THR A 87 -12.65 -4.17 8.03
CA THR A 87 -11.98 -4.87 6.95
C THR A 87 -11.43 -6.24 7.33
N GLU A 88 -10.97 -6.95 6.31
CA GLU A 88 -10.37 -8.25 6.44
C GLU A 88 -9.14 -8.10 7.36
N TYR A 89 -8.98 -9.01 8.31
CA TYR A 89 -7.86 -8.95 9.24
C TYR A 89 -6.61 -9.68 8.75
N MET A 90 -5.46 -9.03 8.90
CA MET A 90 -4.18 -9.61 8.50
C MET A 90 -3.38 -9.84 9.78
N GLU A 91 -3.23 -11.12 10.14
CA GLU A 91 -2.56 -11.52 11.35
C GLU A 91 -1.11 -11.05 11.58
N ASN A 92 -0.28 -11.07 10.55
CA ASN A 92 1.11 -10.67 10.74
C ASN A 92 1.46 -9.20 10.59
N GLY A 93 0.45 -8.34 10.59
CA GLY A 93 0.68 -6.91 10.50
C GLY A 93 1.26 -6.37 9.22
N SER A 94 1.89 -5.19 9.32
CA SER A 94 2.49 -4.52 8.18
C SER A 94 3.78 -5.22 7.78
N LEU A 95 4.10 -5.18 6.50
CA LEU A 95 5.30 -5.83 5.99
C LEU A 95 6.57 -5.20 6.56
N VAL A 96 6.58 -3.87 6.67
CA VAL A 96 7.75 -3.21 7.19
C VAL A 96 8.04 -3.70 8.60
N ASP A 97 6.99 -3.99 9.37
CA ASP A 97 7.16 -4.49 10.74
C ASP A 97 7.51 -5.97 10.79
N PHE A 98 6.80 -6.76 10.00
CA PHE A 98 7.01 -8.19 9.95
C PHE A 98 8.43 -8.61 9.60
N LEU A 99 9.02 -7.94 8.61
CA LEU A 99 10.37 -8.26 8.18
C LEU A 99 11.41 -8.07 9.28
N LYS A 100 11.01 -7.42 10.36
CA LYS A 100 11.91 -7.14 11.49
C LYS A 100 11.75 -8.13 12.64
N THR A 101 10.74 -8.98 12.56
CA THR A 101 10.48 -9.98 13.60
C THR A 101 11.41 -11.19 13.37
N PRO A 102 11.55 -12.06 14.38
CA PRO A 102 12.41 -13.24 14.25
C PRO A 102 12.05 -14.09 13.02
N SER A 103 10.75 -14.17 12.72
CA SER A 103 10.29 -14.93 11.56
C SER A 103 10.72 -14.23 10.28
N GLY A 104 10.38 -12.94 10.19
CA GLY A 104 10.71 -12.14 9.03
C GLY A 104 12.18 -12.14 8.68
N ILE A 105 13.01 -11.98 9.71
CA ILE A 105 14.46 -11.96 9.55
C ILE A 105 15.02 -13.24 8.92
N LYS A 106 14.36 -14.37 9.16
CA LYS A 106 14.81 -15.65 8.63
C LYS A 106 14.33 -15.96 7.22
N LEU A 107 13.51 -15.09 6.65
CA LEU A 107 13.00 -15.34 5.31
C LEU A 107 14.12 -15.37 4.30
N THR A 108 14.02 -16.29 3.35
CA THR A 108 15.04 -16.43 2.31
C THR A 108 14.75 -15.40 1.24
N ILE A 109 15.74 -15.14 0.39
CA ILE A 109 15.55 -14.19 -0.69
C ILE A 109 14.42 -14.72 -1.56
N ASN A 110 14.33 -16.05 -1.64
CA ASN A 110 13.29 -16.71 -2.43
C ASN A 110 11.88 -16.28 -2.00
N LYS A 111 11.66 -16.26 -0.68
CA LYS A 111 10.36 -15.87 -0.13
C LYS A 111 10.13 -14.36 -0.25
N LEU A 112 11.20 -13.58 -0.17
CA LEU A 112 11.07 -12.13 -0.31
C LEU A 112 10.61 -11.80 -1.74
N LEU A 113 11.18 -12.50 -2.72
CA LEU A 113 10.83 -12.30 -4.12
C LEU A 113 9.38 -12.76 -4.35
N ASP A 114 8.98 -13.82 -3.65
CA ASP A 114 7.62 -14.35 -3.75
C ASP A 114 6.66 -13.26 -3.32
N MET A 115 6.93 -12.67 -2.16
CA MET A 115 6.10 -11.59 -1.63
C MET A 115 6.09 -10.39 -2.57
N ALA A 116 7.26 -10.06 -3.10
CA ALA A 116 7.37 -8.93 -4.03
C ALA A 116 6.42 -9.13 -5.21
N ALA A 117 6.38 -10.36 -5.73
CA ALA A 117 5.53 -10.69 -6.86
C ALA A 117 4.06 -10.63 -6.48
N GLN A 118 3.75 -11.04 -5.26
CA GLN A 118 2.38 -10.99 -4.77
C GLN A 118 1.91 -9.53 -4.78
N ILE A 119 2.79 -8.64 -4.34
CA ILE A 119 2.47 -7.22 -4.29
C ILE A 119 2.27 -6.65 -5.69
N ALA A 120 3.13 -7.03 -6.62
CA ALA A 120 3.03 -6.56 -8.00
C ALA A 120 1.73 -7.09 -8.61
N GLU A 121 1.35 -8.29 -8.19
CA GLU A 121 0.14 -8.90 -8.69
C GLU A 121 -1.05 -8.04 -8.27
N GLY A 122 -1.07 -7.61 -7.02
CA GLY A 122 -2.14 -6.77 -6.55
C GLY A 122 -2.17 -5.44 -7.30
N MET A 123 -1.02 -4.83 -7.49
CA MET A 123 -0.94 -3.57 -8.21
C MET A 123 -1.34 -3.74 -9.69
N ALA A 124 -1.10 -4.93 -10.23
CA ALA A 124 -1.47 -5.20 -11.62
C ALA A 124 -2.99 -5.12 -11.76
N PHE A 125 -3.70 -5.57 -10.73
CA PHE A 125 -5.17 -5.51 -10.72
C PHE A 125 -5.63 -4.05 -10.67
N ILE A 126 -5.01 -3.29 -9.78
CA ILE A 126 -5.32 -1.88 -9.60
C ILE A 126 -5.03 -1.16 -10.91
N GLU A 127 -3.91 -1.53 -11.54
CA GLU A 127 -3.49 -0.98 -12.82
C GLU A 127 -4.56 -1.20 -13.90
N GLU A 128 -5.03 -2.44 -14.00
CA GLU A 128 -6.02 -2.82 -14.98
C GLU A 128 -7.40 -2.19 -14.76
N ARG A 129 -7.74 -1.90 -13.51
CA ARG A 129 -9.04 -1.29 -13.18
C ARG A 129 -9.03 0.24 -13.28
N ASN A 130 -7.94 0.78 -13.83
CA ASN A 130 -7.80 2.23 -14.01
C ASN A 130 -7.71 3.03 -12.72
N TYR A 131 -7.16 2.43 -11.68
CA TYR A 131 -6.98 3.11 -10.42
C TYR A 131 -5.49 3.33 -10.16
N ILE A 132 -5.21 4.17 -9.17
CA ILE A 132 -3.85 4.46 -8.72
C ILE A 132 -3.91 4.41 -7.19
N HIS A 133 -2.81 4.03 -6.56
CA HIS A 133 -2.76 3.92 -5.10
C HIS A 133 -2.19 5.17 -4.41
N ARG A 134 -1.04 5.63 -4.89
CA ARG A 134 -0.36 6.82 -4.39
C ARG A 134 0.34 6.72 -3.04
N ASP A 135 0.12 5.62 -2.32
CA ASP A 135 0.72 5.45 -1.01
C ASP A 135 1.33 4.05 -0.89
N LEU A 136 1.87 3.57 -2.01
CA LEU A 136 2.49 2.25 -2.06
C LEU A 136 3.85 2.26 -1.35
N ARG A 137 3.93 1.52 -0.25
CA ARG A 137 5.15 1.41 0.57
C ARG A 137 4.98 0.22 1.50
N ALA A 138 6.09 -0.32 1.99
CA ALA A 138 6.05 -1.49 2.85
C ALA A 138 5.10 -1.35 4.05
N ALA A 139 4.99 -0.14 4.59
CA ALA A 139 4.13 0.13 5.73
C ALA A 139 2.66 -0.08 5.36
N ASN A 140 2.36 -0.04 4.07
CA ASN A 140 0.99 -0.23 3.61
C ASN A 140 0.72 -1.58 2.93
N ILE A 141 1.55 -2.57 3.24
CA ILE A 141 1.38 -3.91 2.71
C ILE A 141 1.17 -4.77 3.96
N LEU A 142 0.06 -5.49 4.04
CA LEU A 142 -0.20 -6.34 5.21
C LEU A 142 0.12 -7.81 4.91
N VAL A 143 0.55 -8.52 5.95
CA VAL A 143 0.92 -9.92 5.85
C VAL A 143 -0.05 -10.85 6.60
N SER A 144 -0.45 -11.94 5.95
CA SER A 144 -1.38 -12.92 6.51
C SER A 144 -0.66 -13.93 7.39
N ASP A 145 -1.46 -14.81 8.02
CA ASP A 145 -0.92 -15.84 8.88
C ASP A 145 -0.19 -16.89 8.03
N THR A 146 -0.46 -16.90 6.73
CA THR A 146 0.18 -17.84 5.80
C THR A 146 1.30 -17.18 5.01
N LEU A 147 1.72 -16.00 5.47
CA LEU A 147 2.78 -15.24 4.82
C LEU A 147 2.48 -14.84 3.37
N SER A 148 1.26 -14.38 3.14
CA SER A 148 0.87 -13.90 1.83
C SER A 148 0.68 -12.40 2.10
N CYS A 149 0.85 -11.59 1.07
CA CYS A 149 0.75 -10.15 1.21
C CYS A 149 -0.47 -9.55 0.49
N LYS A 150 -0.94 -8.42 1.00
CA LYS A 150 -2.09 -7.75 0.41
C LYS A 150 -1.92 -6.24 0.52
N ILE A 151 -2.40 -5.53 -0.50
CA ILE A 151 -2.31 -4.08 -0.53
C ILE A 151 -3.35 -3.49 0.44
N ALA A 152 -2.93 -2.49 1.20
CA ALA A 152 -3.79 -1.83 2.18
C ALA A 152 -3.78 -0.30 2.03
N ASP A 153 -4.45 0.37 2.97
CA ASP A 153 -4.56 1.83 3.02
C ASP A 153 -4.85 2.45 1.66
N PHE A 154 -6.14 2.56 1.34
CA PHE A 154 -6.56 3.13 0.06
C PHE A 154 -6.99 4.60 0.21
N GLY A 155 -6.54 5.21 1.29
CA GLY A 155 -6.88 6.60 1.57
C GLY A 155 -6.61 7.55 0.41
N LEU A 156 -5.46 7.39 -0.24
CA LEU A 156 -5.10 8.27 -1.35
C LEU A 156 -5.43 7.69 -2.72
N ALA A 157 -5.94 6.45 -2.73
CA ALA A 157 -6.26 5.77 -3.98
C ALA A 157 -7.30 6.58 -4.76
N ARG A 158 -7.23 6.51 -6.08
CA ARG A 158 -8.15 7.26 -6.92
C ARG A 158 -8.42 6.58 -8.25
N LEU A 159 -9.66 6.69 -8.70
CA LEU A 159 -10.04 6.15 -9.98
C LEU A 159 -9.52 7.16 -11.00
N ILE A 160 -8.73 6.68 -11.93
CA ILE A 160 -8.14 7.53 -12.96
C ILE A 160 -9.02 7.48 -14.20
N GLU A 161 -9.68 8.58 -14.49
CA GLU A 161 -10.59 8.71 -15.63
C GLU A 161 -9.83 8.99 -16.93
N ASP A 162 -8.81 9.83 -16.81
CA ASP A 162 -7.92 10.19 -17.91
C ASP A 162 -6.60 9.68 -17.36
N ASN A 163 -5.56 9.67 -18.19
CA ASN A 163 -4.24 9.18 -17.77
C ASN A 163 -3.78 9.57 -16.36
N GLU A 164 -4.10 10.76 -15.89
CA GLU A 164 -3.61 11.07 -14.56
C GLU A 164 -4.54 11.79 -13.61
N PTR A 165 -4.04 11.93 -12.37
CA PTR A 165 -4.62 12.66 -11.22
C PTR A 165 -3.62 13.81 -10.84
O PTR A 165 -2.39 13.63 -10.79
CB PTR A 165 -4.86 11.75 -9.96
CG PTR A 165 -5.35 12.44 -8.68
CD1 PTR A 165 -6.71 12.72 -8.49
CD2 PTR A 165 -4.46 12.89 -7.71
CE1 PTR A 165 -7.19 13.44 -7.36
CE2 PTR A 165 -4.90 13.60 -6.60
CZ PTR A 165 -6.25 13.88 -6.41
OH PTR A 165 -6.51 14.58 -5.22
P PTR A 165 -8.02 15.00 -4.80
O1P PTR A 165 -7.78 16.48 -4.54
O2P PTR A 165 -8.45 14.19 -3.55
O3P PTR A 165 -8.88 14.64 -6.00
N THR A 166 -4.19 15.00 -10.63
CA THR A 166 -3.37 16.14 -10.22
C THR A 166 -3.73 16.52 -8.80
N ALA A 167 -2.77 16.38 -7.89
CA ALA A 167 -3.00 16.70 -6.48
C ALA A 167 -3.10 18.20 -6.26
N ARG A 168 -3.40 18.60 -5.03
CA ARG A 168 -3.52 20.01 -4.69
C ARG A 168 -2.12 20.57 -4.47
N GLU A 169 -1.88 21.78 -4.97
CA GLU A 169 -0.59 22.43 -4.84
C GLU A 169 0.01 22.34 -3.45
N GLY A 170 -0.83 22.29 -2.43
CA GLY A 170 -0.33 22.20 -1.06
C GLY A 170 -0.08 20.77 -0.60
N ALA A 171 -0.66 19.80 -1.30
CA ALA A 171 -0.50 18.39 -0.92
C ALA A 171 0.96 17.99 -0.81
N LYS A 172 1.32 17.34 0.29
CA LYS A 172 2.68 16.91 0.49
C LYS A 172 2.73 15.38 0.55
N PHE A 173 3.84 14.79 0.08
CA PHE A 173 3.95 13.33 0.07
C PHE A 173 5.36 12.87 0.45
N PRO A 174 5.48 11.62 0.95
CA PRO A 174 6.79 11.10 1.35
C PRO A 174 7.74 11.24 0.17
N ILE A 175 8.74 12.09 0.33
CA ILE A 175 9.71 12.34 -0.74
C ILE A 175 10.45 11.09 -1.22
N LYS A 176 10.93 10.26 -0.30
CA LYS A 176 11.69 9.07 -0.70
C LYS A 176 10.93 8.00 -1.47
N TRP A 177 9.61 7.95 -1.31
CA TRP A 177 8.80 6.96 -2.00
C TRP A 177 8.07 7.47 -3.23
N THR A 178 7.99 8.78 -3.37
CA THR A 178 7.25 9.39 -4.48
C THR A 178 8.05 9.77 -5.74
N ALA A 179 7.45 9.48 -6.89
CA ALA A 179 8.07 9.75 -8.18
C ALA A 179 8.31 11.24 -8.39
N PRO A 180 9.39 11.59 -9.09
CA PRO A 180 9.76 12.98 -9.37
C PRO A 180 8.61 13.81 -9.91
N GLU A 181 7.94 13.31 -10.95
CA GLU A 181 6.84 14.06 -11.55
C GLU A 181 5.77 14.41 -10.52
N ALA A 182 5.52 13.49 -9.60
CA ALA A 182 4.51 13.67 -8.56
C ALA A 182 4.93 14.71 -7.51
N ILE A 183 6.19 14.66 -7.10
CA ILE A 183 6.70 15.62 -6.13
C ILE A 183 6.78 17.00 -6.75
N ASN A 184 7.19 17.06 -8.01
CA ASN A 184 7.34 18.35 -8.68
C ASN A 184 6.03 18.94 -9.21
N TYR A 185 5.28 18.16 -10.00
CA TYR A 185 4.04 18.68 -10.58
C TYR A 185 2.74 18.24 -9.93
N GLY A 186 2.83 17.34 -8.96
CA GLY A 186 1.62 16.88 -8.32
C GLY A 186 0.82 15.96 -9.23
N THR A 187 1.46 15.49 -10.30
CA THR A 187 0.81 14.62 -11.27
C THR A 187 1.11 13.16 -10.93
N PHE A 188 0.04 12.38 -10.73
CA PHE A 188 0.15 10.97 -10.41
C PHE A 188 -0.45 10.06 -11.48
N THR A 189 0.24 8.98 -11.78
CA THR A 189 -0.26 8.01 -12.75
C THR A 189 0.13 6.64 -12.20
N ILE A 190 -0.37 5.59 -12.82
CA ILE A 190 -0.01 4.27 -12.36
C ILE A 190 1.51 4.15 -12.44
N LYS A 191 2.14 4.97 -13.29
CA LYS A 191 3.59 4.93 -13.43
C LYS A 191 4.29 5.49 -12.20
N SER A 192 3.58 6.34 -11.46
CA SER A 192 4.12 6.93 -10.24
C SER A 192 4.17 5.80 -9.21
N ASP A 193 3.13 4.96 -9.21
CA ASP A 193 3.08 3.84 -8.29
C ASP A 193 4.25 2.91 -8.62
N VAL A 194 4.52 2.72 -9.90
CA VAL A 194 5.61 1.83 -10.31
C VAL A 194 6.92 2.30 -9.67
N TRP A 195 7.15 3.61 -9.66
CA TRP A 195 8.37 4.16 -9.05
C TRP A 195 8.36 3.78 -7.57
N SER A 196 7.22 3.98 -6.91
CA SER A 196 7.09 3.65 -5.50
C SER A 196 7.37 2.17 -5.27
N PHE A 197 6.90 1.33 -6.19
CA PHE A 197 7.13 -0.09 -6.07
C PHE A 197 8.64 -0.36 -6.03
N GLY A 198 9.39 0.37 -6.86
CA GLY A 198 10.83 0.18 -6.88
C GLY A 198 11.41 0.41 -5.49
N ILE A 199 10.99 1.50 -4.86
CA ILE A 199 11.45 1.84 -3.52
C ILE A 199 11.04 0.73 -2.53
N LEU A 200 9.81 0.24 -2.67
CA LEU A 200 9.28 -0.80 -1.80
C LEU A 200 10.17 -2.05 -1.87
N LEU A 201 10.66 -2.36 -3.06
CA LEU A 201 11.53 -3.51 -3.24
C LEU A 201 12.78 -3.36 -2.36
N THR A 202 13.28 -2.14 -2.21
CA THR A 202 14.48 -1.96 -1.38
C THR A 202 14.12 -2.20 0.09
N GLU A 203 12.88 -1.89 0.45
CA GLU A 203 12.42 -2.12 1.82
C GLU A 203 12.34 -3.62 2.07
N ILE A 204 11.96 -4.36 1.05
CA ILE A 204 11.83 -5.81 1.19
C ILE A 204 13.17 -6.49 1.44
N VAL A 205 14.13 -6.22 0.56
CA VAL A 205 15.44 -6.84 0.66
C VAL A 205 16.34 -6.40 1.81
N THR A 206 16.02 -5.27 2.43
CA THR A 206 16.81 -4.77 3.55
C THR A 206 16.01 -5.00 4.84
N HIS A 207 14.98 -5.83 4.74
CA HIS A 207 14.12 -6.12 5.89
C HIS A 207 13.61 -4.87 6.60
N GLY A 208 13.05 -3.94 5.84
CA GLY A 208 12.48 -2.75 6.43
C GLY A 208 13.31 -1.51 6.63
N ARG A 209 14.50 -1.44 6.06
CA ARG A 209 15.33 -0.25 6.23
C ARG A 209 14.76 0.94 5.44
N ILE A 210 14.95 2.15 5.98
CA ILE A 210 14.51 3.37 5.32
C ILE A 210 15.36 3.55 4.07
N PRO A 211 14.72 3.82 2.92
CA PRO A 211 15.43 4.01 1.65
C PRO A 211 16.43 5.16 1.65
N TYR A 212 17.38 5.12 0.72
CA TYR A 212 18.40 6.16 0.59
C TYR A 212 19.14 6.37 1.91
N PRO A 213 19.77 5.31 2.43
CA PRO A 213 20.51 5.37 3.70
C PRO A 213 21.45 6.58 3.87
N GLY A 214 21.33 7.23 5.01
CA GLY A 214 22.18 8.37 5.32
C GLY A 214 21.93 9.61 4.49
N MET A 215 20.77 9.67 3.82
CA MET A 215 20.47 10.83 2.99
C MET A 215 19.20 11.54 3.45
N THR A 216 19.22 12.87 3.40
CA THR A 216 18.07 13.70 3.76
C THR A 216 17.23 13.82 2.49
N ASN A 217 16.01 14.33 2.60
CA ASN A 217 15.15 14.49 1.42
C ASN A 217 15.77 15.37 0.35
N PRO A 218 16.37 16.52 0.75
CA PRO A 218 16.98 17.40 -0.25
C PRO A 218 18.10 16.67 -1.01
N GLU A 219 18.88 15.88 -0.29
CA GLU A 219 19.97 15.13 -0.88
C GLU A 219 19.42 14.11 -1.88
N VAL A 220 18.31 13.47 -1.52
CA VAL A 220 17.69 12.48 -2.41
C VAL A 220 17.28 13.13 -3.74
N ILE A 221 16.61 14.27 -3.65
CA ILE A 221 16.18 15.01 -4.83
C ILE A 221 17.35 15.49 -5.69
N GLN A 222 18.38 16.01 -5.04
CA GLN A 222 19.55 16.50 -5.75
C GLN A 222 20.22 15.36 -6.52
N ASN A 223 20.44 14.24 -5.84
CA ASN A 223 21.07 13.09 -6.46
C ASN A 223 20.25 12.53 -7.62
N LEU A 224 18.94 12.47 -7.44
CA LEU A 224 18.06 11.98 -8.49
C LEU A 224 18.18 12.84 -9.74
N GLU A 225 18.19 14.16 -9.56
CA GLU A 225 18.29 15.08 -10.69
C GLU A 225 19.59 14.90 -11.48
N ARG A 226 20.62 14.40 -10.81
CA ARG A 226 21.92 14.17 -11.44
C ARG A 226 21.90 12.88 -12.26
N GLY A 227 20.89 12.06 -12.05
CA GLY A 227 20.79 10.80 -12.76
C GLY A 227 21.13 9.62 -11.87
N TYR A 228 21.55 9.91 -10.65
CA TYR A 228 21.88 8.83 -9.72
C TYR A 228 20.57 8.24 -9.24
N ARG A 229 20.65 7.03 -8.68
CA ARG A 229 19.50 6.32 -8.13
C ARG A 229 19.99 5.72 -6.82
N MET A 230 19.10 5.10 -6.06
CA MET A 230 19.53 4.55 -4.79
C MET A 230 20.70 3.61 -4.97
N VAL A 231 21.65 3.70 -4.04
CA VAL A 231 22.82 2.84 -4.06
C VAL A 231 22.37 1.39 -3.81
N ARG A 232 23.02 0.44 -4.46
CA ARG A 232 22.68 -0.97 -4.29
C ARG A 232 22.61 -1.32 -2.81
N PRO A 233 21.43 -1.78 -2.34
CA PRO A 233 21.29 -2.15 -0.93
C PRO A 233 22.20 -3.33 -0.65
N ASP A 234 22.64 -3.46 0.60
CA ASP A 234 23.50 -4.56 0.97
C ASP A 234 22.79 -5.87 0.66
N ASN A 235 23.54 -6.84 0.14
CA ASN A 235 23.02 -8.14 -0.18
C ASN A 235 21.79 -8.15 -1.10
N CYS A 236 21.71 -7.17 -2.00
CA CYS A 236 20.57 -7.14 -2.91
C CYS A 236 20.97 -7.82 -4.21
N PRO A 237 20.25 -8.89 -4.60
CA PRO A 237 20.59 -9.58 -5.85
C PRO A 237 20.61 -8.55 -7.00
N GLU A 238 21.62 -8.65 -7.86
CA GLU A 238 21.76 -7.69 -8.95
C GLU A 238 20.57 -7.67 -9.92
N GLU A 239 19.97 -8.82 -10.16
CA GLU A 239 18.82 -8.87 -11.05
C GLU A 239 17.68 -8.06 -10.49
N LEU A 240 17.50 -8.13 -9.17
CA LEU A 240 16.44 -7.38 -8.52
C LEU A 240 16.77 -5.90 -8.59
N TYR A 241 18.04 -5.57 -8.37
CA TYR A 241 18.45 -4.17 -8.42
C TYR A 241 18.16 -3.61 -9.79
N GLN A 242 18.45 -4.37 -10.84
CA GLN A 242 18.20 -3.89 -12.19
C GLN A 242 16.71 -3.76 -12.48
N LEU A 243 15.89 -4.54 -11.76
CA LEU A 243 14.44 -4.46 -11.93
C LEU A 243 13.99 -3.15 -11.26
N MET A 244 14.61 -2.84 -10.13
CA MET A 244 14.33 -1.62 -9.40
C MET A 244 14.63 -0.44 -10.31
N ARG A 245 15.78 -0.47 -10.97
CA ARG A 245 16.18 0.61 -11.86
C ARG A 245 15.15 0.85 -12.97
N LEU A 246 14.50 -0.21 -13.44
CA LEU A 246 13.46 -0.04 -14.47
C LEU A 246 12.33 0.84 -13.92
N CYS A 247 11.99 0.62 -12.65
CA CYS A 247 10.93 1.39 -11.99
C CYS A 247 11.31 2.85 -11.80
N TRP A 248 12.61 3.14 -11.80
CA TRP A 248 13.07 4.50 -11.58
C TRP A 248 13.51 5.25 -12.82
N LYS A 249 13.08 4.81 -13.99
CA LYS A 249 13.49 5.51 -15.23
C LYS A 249 12.89 6.92 -15.26
N GLU A 250 13.64 7.85 -15.84
CA GLU A 250 13.26 9.26 -15.94
C GLU A 250 11.83 9.51 -16.44
N ARG A 251 11.53 9.00 -17.62
CA ARG A 251 10.21 9.18 -18.18
C ARG A 251 9.21 8.14 -17.68
N PRO A 252 8.08 8.60 -17.16
CA PRO A 252 7.04 7.70 -16.64
C PRO A 252 6.68 6.63 -17.64
N GLU A 253 6.51 7.03 -18.90
CA GLU A 253 6.14 6.08 -19.93
C GLU A 253 7.16 4.98 -20.18
N ASP A 254 8.42 5.20 -19.78
CA ASP A 254 9.47 4.18 -19.97
C ASP A 254 9.49 3.13 -18.86
N ARG A 255 8.78 3.40 -17.77
CA ARG A 255 8.73 2.46 -16.66
C ARG A 255 7.83 1.30 -17.07
N PRO A 256 8.11 0.09 -16.56
CA PRO A 256 7.30 -1.08 -16.91
C PRO A 256 5.90 -1.08 -16.31
N THR A 257 5.07 -2.00 -16.78
CA THR A 257 3.71 -2.18 -16.27
C THR A 257 3.86 -3.07 -15.05
N PHE A 258 2.84 -3.11 -14.21
CA PHE A 258 2.89 -3.96 -13.04
C PHE A 258 2.78 -5.43 -13.45
N ASP A 259 2.06 -5.70 -14.53
CA ASP A 259 1.94 -7.09 -14.97
C ASP A 259 3.32 -7.61 -15.37
N TYR A 260 4.11 -6.76 -16.02
CA TYR A 260 5.46 -7.12 -16.42
C TYR A 260 6.26 -7.41 -15.16
N LEU A 261 6.23 -6.49 -14.20
CA LEU A 261 6.94 -6.67 -12.96
C LEU A 261 6.54 -7.99 -12.31
N ARG A 262 5.23 -8.26 -12.26
CA ARG A 262 4.76 -9.52 -11.68
C ARG A 262 5.41 -10.69 -12.41
N SER A 263 5.32 -10.70 -13.73
CA SER A 263 5.87 -11.81 -14.51
C SER A 263 7.35 -12.06 -14.20
N VAL A 264 8.13 -10.99 -14.19
CA VAL A 264 9.56 -11.11 -13.91
C VAL A 264 9.85 -11.61 -12.51
N LEU A 265 9.19 -11.02 -11.51
CA LEU A 265 9.42 -11.44 -10.13
C LEU A 265 9.02 -12.91 -9.95
N GLU A 266 8.00 -13.35 -10.66
CA GLU A 266 7.56 -14.75 -10.57
C GLU A 266 8.63 -15.68 -11.17
N ASP A 267 9.34 -15.19 -12.18
CA ASP A 267 10.41 -15.98 -12.78
C ASP A 267 11.59 -16.00 -11.79
N PHE A 268 11.87 -14.85 -11.18
CA PHE A 268 12.96 -14.75 -10.21
C PHE A 268 12.72 -15.74 -9.07
N PHE A 269 11.46 -15.81 -8.63
CA PHE A 269 11.05 -16.68 -7.52
C PHE A 269 11.18 -18.17 -7.86
N THR A 270 10.61 -18.56 -9.00
CA THR A 270 10.66 -19.97 -9.39
C THR A 270 12.06 -20.40 -9.76
N ALA A 271 12.97 -19.44 -9.98
CA ALA A 271 14.35 -19.78 -10.30
C ALA A 271 15.06 -20.08 -8.97
N THR A 272 14.85 -19.23 -7.96
CA THR A 272 15.48 -19.44 -6.65
C THR A 272 14.73 -20.51 -5.89
S SO4 B . 23.94 5.26 -10.50
O1 SO4 B . 22.45 5.43 -10.44
O2 SO4 B . 24.54 5.94 -9.35
O3 SO4 B . 24.24 3.77 -10.47
O4 SO4 B . 24.45 5.82 -11.78
S SO4 C . 8.23 -15.01 15.72
O1 SO4 C . 6.94 -15.58 15.24
O2 SO4 C . 9.13 -16.12 16.13
O3 SO4 C . 8.86 -14.21 14.64
O4 SO4 C . 7.97 -14.14 16.91
N3 AM0 D . -5.25 -6.31 9.55
C7 AM0 D . -6.07 -5.62 8.70
N4 AM0 D . -6.08 -4.26 8.67
C8 AM0 D . -5.23 -3.49 9.53
N5 AM0 D . -4.41 -4.23 10.38
C10 AM0 D . -4.43 -5.60 10.37
N2 AM0 D . -3.58 -6.31 11.23
C11 AM0 D . -2.15 -6.64 13.03
C13 AM0 D . -2.48 -5.83 11.94
C14 AM0 D . -1.74 -4.62 11.64
C15 AM0 D . -0.66 -4.22 12.46
C16 AM0 D . -0.35 -5.07 13.56
C17 AM0 D . -1.06 -6.27 13.85
O1 AM0 D . 0.72 -4.67 14.31
O2 AM0 D . -0.65 -6.99 14.97
C9 AM0 D . 0.32 -3.96 15.47
C1 AM0 D . -3.06 1.09 11.68
C2 AM0 D . -3.92 1.30 10.53
C3 AM0 D . -4.56 0.15 9.87
C4 AM0 D . -4.32 -1.22 10.40
C5 AM0 D . -3.44 -1.38 11.58
C6 AM0 D . -2.81 -0.24 12.23
N6 AM0 D . -5.42 -0.02 8.78
C12 AM0 D . -5.71 -1.31 8.62
N7 AM0 D . -5.09 -2.07 9.54
N1 AM0 D . -6.62 -1.81 7.56
O3 AM0 D . 0.10 -3.04 12.28
C18 AM0 D . -1.34 -8.19 15.35
C19 AM0 D . 0.09 -2.31 11.04
C20 AM0 D . -8.37 0.99 5.69
C21 AM0 D . -8.16 0.38 4.37
C22 AM0 D . -7.48 -0.85 4.09
C23 AM0 D . -6.96 -1.57 5.21
C24 AM0 D . -7.13 -1.03 6.55
C25 AM0 D . -7.83 0.25 6.80
#